data_5INL
#
_entry.id   5INL
#
_cell.length_a   54.903
_cell.length_b   69.051
_cell.length_c   167.805
_cell.angle_alpha   90.000
_cell.angle_beta   90.000
_cell.angle_gamma   90.000
#
_symmetry.space_group_name_H-M   'P 21 21 21'
#
loop_
_entity.id
_entity.type
_entity.pdbx_description
1 polymer 'Tyrosyl-DNA phosphodiesterase 2'
2 polymer "DNA (5'-D(P*AP*CP*GP*AP*AP*TP*TP*CP*G)-3')"
3 non-polymer 'MAGNESIUM ION'
4 non-polymer '4-(2-HYDROXYETHYL)-1-PIPERAZINE ETHANESULFONIC ACID'
5 non-polymer DI(HYDROXYETHYL)ETHER
6 water water
#
loop_
_entity_poly.entity_id
_entity_poly.type
_entity_poly.pdbx_seq_one_letter_code
_entity_poly.pdbx_strand_id
1 'polypeptide(L)'
;SKGLEDSSTISFITWNIDGLDGCNLPERARGVCSCLALYSPDVVFLQEVIPPYCAYLKKRAASYTIITGNEEGYFTAILL
KKGRVKFKSQEIIPFPNTKMMRNLLCVNVSLGGNEFCLMTSHLESTREHSAERIRQLKTVLGKMQEAPDSTTVIFAGDTN
LRDQEVIKCGGLPDNVFDAWEFLGKPKHCQYTWDTKANNNLRIPAAYKHRFDRIFFRAEEGHLIPQSLDLVGLEKLDCGR
FPSDHWGLLCTLNVVL
;
A,B
2 'polydeoxyribonucleotide' (DA)(DC)(DG)(DA)(DA)(DT)(DT)(DC)(DG) C,D
#
loop_
_chem_comp.id
_chem_comp.type
_chem_comp.name
_chem_comp.formula
DA DNA linking 2'-DEOXYADENOSINE-5'-MONOPHOSPHATE 'C10 H14 N5 O6 P'
DC DNA linking 2'-DEOXYCYTIDINE-5'-MONOPHOSPHATE 'C9 H14 N3 O7 P'
DG DNA linking 2'-DEOXYGUANOSINE-5'-MONOPHOSPHATE 'C10 H14 N5 O7 P'
DT DNA linking THYMIDINE-5'-MONOPHOSPHATE 'C10 H15 N2 O8 P'
EPE non-polymer '4-(2-HYDROXYETHYL)-1-PIPERAZINE ETHANESULFONIC ACID' 'C8 H18 N2 O4 S'
MG non-polymer 'MAGNESIUM ION' 'Mg 2'
PEG non-polymer DI(HYDROXYETHYL)ETHER 'C4 H10 O3'
#
# COMPACT_ATOMS: atom_id res chain seq x y z
N SER A 1 15.56 -32.46 33.06
CA SER A 1 16.41 -31.41 33.62
C SER A 1 17.52 -31.05 32.64
N LYS A 2 18.13 -29.88 32.82
CA LYS A 2 19.16 -29.39 31.91
C LYS A 2 20.53 -29.78 32.46
N GLY A 3 21.08 -30.88 31.93
CA GLY A 3 22.30 -31.45 32.44
C GLY A 3 23.55 -30.92 31.75
N LEU A 4 24.67 -31.59 32.04
CA LEU A 4 25.95 -31.18 31.47
C LEU A 4 25.92 -31.14 29.95
N GLU A 5 25.38 -32.19 29.32
CA GLU A 5 25.42 -32.28 27.86
CA GLU A 5 25.42 -32.28 27.86
C GLU A 5 24.79 -31.05 27.21
N ASP A 6 23.69 -30.55 27.77
CA ASP A 6 22.97 -29.42 27.18
C ASP A 6 23.44 -28.07 27.71
N SER A 7 24.59 -28.01 28.37
CA SER A 7 25.08 -26.73 28.90
C SER A 7 25.45 -25.74 27.81
N SER A 8 25.60 -26.18 26.56
CA SER A 8 25.96 -25.30 25.46
CA SER A 8 25.96 -25.30 25.47
C SER A 8 24.74 -24.75 24.73
N THR A 9 23.55 -25.05 25.20
CA THR A 9 22.31 -24.78 24.47
CA THR A 9 22.33 -24.76 24.45
C THR A 9 21.53 -23.69 25.18
N ILE A 10 20.89 -22.83 24.40
CA ILE A 10 19.85 -21.94 24.90
C ILE A 10 18.56 -22.39 24.23
N SER A 11 17.53 -22.60 25.03
CA SER A 11 16.20 -22.87 24.50
C SER A 11 15.26 -21.75 24.89
N PHE A 12 14.32 -21.46 24.00
CA PHE A 12 13.38 -20.40 24.28
C PHE A 12 12.09 -20.60 23.50
N ILE A 13 11.04 -19.95 24.00
CA ILE A 13 9.77 -19.84 23.31
C ILE A 13 9.49 -18.37 23.08
N THR A 14 8.98 -18.02 21.89
CA THR A 14 8.40 -16.70 21.67
C THR A 14 6.92 -16.86 21.30
N TRP A 15 6.07 -16.01 21.87
CA TRP A 15 4.63 -16.22 21.74
C TRP A 15 3.88 -14.93 22.00
N ASN A 16 3.06 -14.50 21.04
CA ASN A 16 2.07 -13.48 21.27
C ASN A 16 0.86 -14.17 21.85
N ILE A 17 0.57 -13.90 23.12
CA ILE A 17 -0.40 -14.70 23.88
C ILE A 17 -1.77 -14.00 23.95
N ASP A 18 -1.96 -12.93 23.19
CA ASP A 18 -3.29 -12.34 22.97
C ASP A 18 -3.98 -11.96 24.29
N GLY A 19 -3.26 -11.22 25.14
CA GLY A 19 -3.85 -10.70 26.35
C GLY A 19 -4.93 -9.66 26.12
N LEU A 20 -5.03 -9.12 24.90
CA LEU A 20 -6.12 -8.21 24.55
C LEU A 20 -7.45 -8.94 24.39
N ASP A 21 -7.45 -10.25 24.30
CA ASP A 21 -8.69 -11.02 24.35
C ASP A 21 -8.92 -11.42 25.81
N GLY A 22 -9.85 -10.74 26.47
CA GLY A 22 -10.14 -11.06 27.85
C GLY A 22 -10.91 -12.36 28.04
N CYS A 23 -11.54 -12.86 26.98
CA CYS A 23 -12.39 -14.03 27.15
CA CYS A 23 -12.38 -14.06 27.06
C CYS A 23 -11.55 -15.27 27.40
N ASN A 24 -11.88 -15.98 28.48
CA ASN A 24 -11.19 -17.20 28.89
C ASN A 24 -9.73 -16.95 29.24
N LEU A 25 -9.35 -15.73 29.58
CA LEU A 25 -7.92 -15.44 29.69
C LEU A 25 -7.22 -16.25 30.78
N PRO A 26 -7.79 -16.42 31.99
CA PRO A 26 -7.08 -17.23 32.99
C PRO A 26 -6.81 -18.66 32.53
N GLU A 27 -7.79 -19.30 31.91
CA GLU A 27 -7.60 -20.66 31.41
C GLU A 27 -6.55 -20.71 30.31
N ARG A 28 -6.57 -19.70 29.43
CA ARG A 28 -5.58 -19.65 28.34
C ARG A 28 -4.19 -19.40 28.89
N ALA A 29 -4.06 -18.57 29.92
CA ALA A 29 -2.77 -18.40 30.58
C ALA A 29 -2.28 -19.70 31.19
N ARG A 30 -3.19 -20.47 31.79
CA ARG A 30 -2.78 -21.78 32.31
CA ARG A 30 -2.79 -21.78 32.32
C ARG A 30 -2.30 -22.69 31.20
N GLY A 31 -2.91 -22.59 30.02
CA GLY A 31 -2.44 -23.34 28.87
C GLY A 31 -1.03 -22.95 28.45
N VAL A 32 -0.74 -21.65 28.40
CA VAL A 32 0.62 -21.20 28.10
C VAL A 32 1.58 -21.74 29.14
N CYS A 33 1.23 -21.62 30.42
CA CYS A 33 2.13 -22.07 31.47
C CYS A 33 2.33 -23.58 31.44
N SER A 34 1.32 -24.35 31.00
CA SER A 34 1.52 -25.79 30.85
C SER A 34 2.58 -26.09 29.79
N CYS A 35 2.59 -25.31 28.72
CA CYS A 35 3.61 -25.45 27.70
CA CYS A 35 3.62 -25.46 27.70
C CYS A 35 5.00 -25.14 28.25
N LEU A 36 5.11 -24.04 29.02
CA LEU A 36 6.39 -23.69 29.62
C LEU A 36 6.87 -24.78 30.56
N ALA A 37 5.94 -25.42 31.29
CA ALA A 37 6.33 -26.49 32.20
C ALA A 37 6.82 -27.72 31.43
N LEU A 38 6.23 -28.00 30.27
CA LEU A 38 6.61 -29.17 29.51
C LEU A 38 8.03 -29.06 28.94
N TYR A 39 8.38 -27.88 28.40
CA TYR A 39 9.66 -27.72 27.71
C TYR A 39 10.73 -27.04 28.56
N SER A 40 10.36 -26.40 29.67
CA SER A 40 11.28 -25.72 30.57
C SER A 40 12.32 -24.87 29.81
N PRO A 41 11.87 -23.95 28.96
CA PRO A 41 12.83 -23.11 28.23
C PRO A 41 13.60 -22.19 29.16
N ASP A 42 14.83 -21.86 28.75
CA ASP A 42 15.65 -20.92 29.50
C ASP A 42 15.04 -19.53 29.51
N VAL A 43 14.42 -19.14 28.40
CA VAL A 43 13.91 -17.79 28.19
C VAL A 43 12.56 -17.89 27.51
N VAL A 44 11.65 -16.97 27.85
CA VAL A 44 10.37 -16.86 27.14
C VAL A 44 10.18 -15.40 26.73
N PHE A 45 9.91 -15.18 25.46
CA PHE A 45 9.59 -13.86 24.90
C PHE A 45 8.08 -13.81 24.67
N LEU A 46 7.39 -12.88 25.32
CA LEU A 46 5.94 -12.77 25.21
C LEU A 46 5.51 -11.42 24.66
N GLN A 47 4.43 -11.42 23.89
CA GLN A 47 3.81 -10.18 23.45
C GLN A 47 2.31 -10.19 23.81
N GLU A 48 1.75 -8.98 23.91
CA GLU A 48 0.36 -8.73 24.35
C GLU A 48 0.09 -9.23 25.76
N VAL A 49 1.09 -9.09 26.63
CA VAL A 49 0.90 -9.25 28.07
C VAL A 49 0.14 -8.06 28.62
N ILE A 50 -0.73 -8.30 29.60
CA ILE A 50 -1.43 -7.25 30.35
C ILE A 50 -1.19 -7.49 31.84
N PRO A 51 -1.46 -6.51 32.68
CA PRO A 51 -1.08 -6.64 34.11
C PRO A 51 -1.68 -7.88 34.77
N PRO A 52 -2.96 -8.20 34.54
CA PRO A 52 -3.49 -9.45 35.14
C PRO A 52 -2.74 -10.69 34.69
N TYR A 53 -2.24 -10.70 33.46
CA TYR A 53 -1.52 -11.86 32.95
C TYR A 53 -0.19 -12.04 33.68
N CYS A 54 0.42 -10.95 34.13
CA CYS A 54 1.63 -11.07 34.94
C CYS A 54 1.35 -11.83 36.23
N ALA A 55 0.20 -11.57 36.85
CA ALA A 55 -0.16 -12.31 38.06
C ALA A 55 -0.37 -13.79 37.75
N TYR A 56 -0.95 -14.12 36.60
CA TYR A 56 -1.12 -15.52 36.25
C TYR A 56 0.22 -16.21 36.06
N LEU A 57 1.18 -15.49 35.46
CA LEU A 57 2.54 -16.02 35.28
C LEU A 57 3.26 -16.17 36.60
N LYS A 58 3.06 -15.24 37.53
CA LYS A 58 3.68 -15.37 38.83
C LYS A 58 3.15 -16.60 39.57
N LYS A 59 1.89 -16.96 39.35
CA LYS A 59 1.29 -18.12 40.01
C LYS A 59 1.72 -19.43 39.36
N ARG A 60 1.67 -19.51 38.03
CA ARG A 60 1.80 -20.77 37.31
C ARG A 60 3.11 -20.90 36.55
N ALA A 61 3.98 -19.90 36.59
CA ALA A 61 5.32 -19.95 36.01
C ALA A 61 6.29 -19.29 36.97
N ALA A 62 6.19 -19.68 38.25
CA ALA A 62 6.88 -18.98 39.32
C ALA A 62 8.40 -19.11 39.24
N SER A 63 8.91 -20.06 38.46
CA SER A 63 10.36 -20.20 38.34
C SER A 63 10.97 -19.22 37.35
N TYR A 64 10.17 -18.32 36.77
CA TYR A 64 10.65 -17.32 35.82
C TYR A 64 10.60 -15.93 36.44
N THR A 65 11.70 -15.19 36.29
CA THR A 65 11.71 -13.76 36.55
C THR A 65 11.11 -13.02 35.36
N ILE A 66 10.22 -12.07 35.64
CA ILE A 66 9.48 -11.36 34.60
C ILE A 66 10.04 -9.96 34.43
N ILE A 67 10.45 -9.62 33.21
CA ILE A 67 10.86 -8.26 32.83
C ILE A 67 9.86 -7.75 31.81
N THR A 68 9.25 -6.59 32.05
CA THR A 68 8.18 -6.13 31.18
C THR A 68 8.58 -4.89 30.38
N GLY A 69 7.89 -4.70 29.26
CA GLY A 69 8.12 -3.56 28.39
C GLY A 69 7.33 -2.32 28.71
N ASN A 70 6.37 -2.42 29.62
CA ASN A 70 5.60 -1.28 30.10
CA ASN A 70 5.56 -1.30 30.07
C ASN A 70 4.84 -1.74 31.34
N GLU A 71 4.13 -0.80 31.97
CA GLU A 71 3.43 -1.06 33.22
CA GLU A 71 3.43 -1.04 33.23
C GLU A 71 1.92 -1.14 33.05
N GLU A 72 1.36 -0.49 32.05
CA GLU A 72 -0.08 -0.42 31.84
CA GLU A 72 -0.08 -0.41 31.84
C GLU A 72 -0.38 -0.73 30.37
N GLY A 73 -1.65 -0.99 30.10
CA GLY A 73 -2.05 -1.29 28.74
C GLY A 73 -1.65 -2.70 28.40
N TYR A 74 -1.07 -2.88 27.23
CA TYR A 74 -0.51 -4.17 26.83
C TYR A 74 0.93 -3.97 26.38
N PHE A 75 1.74 -5.00 26.58
CA PHE A 75 3.18 -4.82 26.47
C PHE A 75 3.85 -6.19 26.30
N THR A 76 5.14 -6.14 25.98
CA THR A 76 5.93 -7.34 25.88
C THR A 76 6.54 -7.71 27.24
N ALA A 77 7.06 -8.93 27.32
CA ALA A 77 7.80 -9.37 28.50
C ALA A 77 8.86 -10.37 28.08
N ILE A 78 9.94 -10.41 28.85
CA ILE A 78 10.94 -11.46 28.75
C ILE A 78 11.03 -12.18 30.09
N LEU A 79 10.86 -13.49 30.07
CA LEU A 79 10.90 -14.33 31.26
C LEU A 79 12.23 -15.09 31.30
N LEU A 80 12.88 -15.10 32.46
CA LEU A 80 14.20 -15.69 32.65
C LEU A 80 14.12 -16.81 33.68
N LYS A 81 14.58 -18.01 33.31
CA LYS A 81 14.53 -19.14 34.24
C LYS A 81 15.47 -18.91 35.40
N LYS A 82 14.93 -18.88 36.61
CA LYS A 82 15.74 -18.69 37.80
CA LYS A 82 15.74 -18.69 37.80
C LYS A 82 16.74 -19.84 37.94
N GLY A 83 17.97 -19.49 38.30
CA GLY A 83 19.00 -20.49 38.49
C GLY A 83 19.76 -20.84 37.23
N ARG A 84 19.26 -20.47 36.06
CA ARG A 84 19.97 -20.66 34.80
C ARG A 84 20.48 -19.37 34.20
N VAL A 85 19.69 -18.31 34.32
CA VAL A 85 19.96 -17.05 33.65
C VAL A 85 20.29 -16.02 34.72
N LYS A 86 21.40 -15.32 34.54
CA LYS A 86 21.77 -14.21 35.41
C LYS A 86 21.37 -12.91 34.74
N PHE A 87 20.48 -12.17 35.40
CA PHE A 87 19.99 -10.89 34.88
C PHE A 87 21.01 -9.80 35.14
N LYS A 88 21.39 -9.07 34.09
CA LYS A 88 22.38 -7.99 34.20
C LYS A 88 21.79 -6.60 34.01
N SER A 89 20.89 -6.42 33.05
CA SER A 89 20.22 -5.13 32.92
C SER A 89 19.06 -5.24 31.94
N GLN A 90 18.19 -4.24 31.98
CA GLN A 90 17.03 -4.09 31.10
CA GLN A 90 17.11 -4.13 31.02
C GLN A 90 17.15 -2.78 30.35
N GLU A 91 16.98 -2.80 29.02
CA GLU A 91 16.97 -1.59 28.21
CA GLU A 91 16.96 -1.60 28.21
C GLU A 91 15.65 -1.54 27.43
N ILE A 92 15.06 -0.35 27.37
CA ILE A 92 13.86 -0.14 26.57
C ILE A 92 14.14 0.99 25.59
N ILE A 93 13.90 0.72 24.32
CA ILE A 93 14.12 1.66 23.22
C ILE A 93 12.75 2.05 22.69
N PRO A 94 12.42 3.33 22.65
CA PRO A 94 11.10 3.74 22.16
C PRO A 94 11.00 3.66 20.64
N PHE A 95 9.76 3.54 20.18
CA PHE A 95 9.39 3.71 18.78
C PHE A 95 8.62 5.02 18.72
N PRO A 96 9.29 6.15 18.46
CA PRO A 96 8.63 7.45 18.66
C PRO A 96 7.33 7.64 17.90
N ASN A 97 7.13 6.95 16.78
CA ASN A 97 5.96 7.18 15.94
C ASN A 97 4.92 6.06 16.05
N THR A 98 5.06 5.16 17.00
CA THR A 98 4.05 4.12 17.17
C THR A 98 2.71 4.75 17.55
N LYS A 99 1.64 4.16 17.03
CA LYS A 99 0.29 4.49 17.44
C LYS A 99 -0.31 3.40 18.33
N MET A 100 0.50 2.40 18.69
CA MET A 100 0.02 1.22 19.41
C MET A 100 0.91 0.89 20.60
N MET A 101 1.62 1.89 21.13
CA MET A 101 2.46 1.77 22.33
C MET A 101 3.56 0.72 22.18
N ARG A 102 4.01 0.45 20.96
CA ARG A 102 5.03 -0.56 20.74
C ARG A 102 6.42 0.01 21.02
N ASN A 103 7.35 -0.88 21.39
CA ASN A 103 8.72 -0.50 21.70
C ASN A 103 9.62 -1.72 21.57
N LEU A 104 10.89 -1.54 21.90
CA LEU A 104 11.90 -2.59 21.83
C LEU A 104 12.46 -2.83 23.22
N LEU A 105 12.29 -4.06 23.71
CA LEU A 105 12.74 -4.47 25.03
C LEU A 105 13.96 -5.36 24.88
N CYS A 106 15.04 -5.00 25.59
CA CYS A 106 16.30 -5.71 25.56
C CYS A 106 16.66 -6.10 26.99
N VAL A 107 17.03 -7.34 27.21
CA VAL A 107 17.46 -7.81 28.51
CA VAL A 107 17.48 -7.78 28.51
C VAL A 107 18.85 -8.40 28.34
N ASN A 108 19.83 -7.86 29.06
CA ASN A 108 21.19 -8.35 29.00
C ASN A 108 21.38 -9.37 30.12
N VAL A 109 21.89 -10.54 29.77
CA VAL A 109 21.99 -11.66 30.70
C VAL A 109 23.30 -12.41 30.44
N SER A 110 23.64 -13.26 31.41
CA SER A 110 24.61 -14.32 31.20
CA SER A 110 24.63 -14.32 31.23
C SER A 110 23.91 -15.66 31.36
N LEU A 111 24.23 -16.60 30.47
CA LEU A 111 23.62 -17.91 30.48
C LEU A 111 24.61 -18.90 29.90
N GLY A 112 24.83 -20.00 30.61
CA GLY A 112 25.74 -21.02 30.14
C GLY A 112 27.17 -20.55 29.95
N GLY A 113 27.57 -19.46 30.62
CA GLY A 113 28.91 -18.94 30.44
C GLY A 113 29.08 -18.02 29.26
N ASN A 114 27.99 -17.46 28.73
CA ASN A 114 28.05 -16.51 27.63
C ASN A 114 27.15 -15.32 27.92
N GLU A 115 27.54 -14.15 27.39
CA GLU A 115 26.75 -12.93 27.49
C GLU A 115 25.80 -12.81 26.30
N PHE A 116 24.55 -12.47 26.59
CA PHE A 116 23.50 -12.35 25.59
C PHE A 116 22.77 -11.03 25.74
N CYS A 117 22.35 -10.48 24.60
CA CYS A 117 21.34 -9.43 24.55
C CYS A 117 20.10 -10.05 23.95
N LEU A 118 19.06 -10.22 24.77
CA LEU A 118 17.81 -10.86 24.36
C LEU A 118 16.79 -9.76 24.11
N MET A 119 16.22 -9.75 22.90
CA MET A 119 15.38 -8.65 22.48
C MET A 119 14.01 -9.15 22.04
N THR A 120 12.96 -8.38 22.34
CA THR A 120 11.65 -8.67 21.79
C THR A 120 10.90 -7.38 21.48
N SER A 121 9.94 -7.52 20.57
CA SER A 121 9.07 -6.43 20.19
C SER A 121 7.81 -7.03 19.59
N HIS A 122 6.78 -6.20 19.54
CA HIS A 122 5.52 -6.47 18.89
C HIS A 122 5.36 -5.34 17.87
N LEU A 123 5.83 -5.57 16.64
CA LEU A 123 5.86 -4.47 15.68
C LEU A 123 4.46 -4.08 15.25
N GLU A 124 4.32 -2.81 14.86
CA GLU A 124 3.04 -2.22 14.46
C GLU A 124 2.22 -3.19 13.61
N SER A 125 0.95 -3.33 13.97
CA SER A 125 0.05 -4.32 13.39
C SER A 125 -0.72 -3.80 12.18
N THR A 126 -1.10 -4.74 11.31
CA THR A 126 -2.02 -4.63 10.17
C THR A 126 -1.32 -4.13 8.91
N ARG A 127 -1.87 -4.53 7.76
CA ARG A 127 -1.30 -4.15 6.47
CA ARG A 127 -1.28 -4.15 6.49
C ARG A 127 -1.21 -2.64 6.33
N GLU A 128 -2.20 -1.92 6.88
CA GLU A 128 -2.27 -0.47 6.71
C GLU A 128 -1.08 0.25 7.33
N HIS A 129 -0.44 -0.34 8.34
CA HIS A 129 0.65 0.31 9.06
C HIS A 129 2.02 -0.22 8.62
N SER A 130 2.10 -0.70 7.38
CA SER A 130 3.34 -1.24 6.82
C SER A 130 4.51 -0.27 6.95
N ALA A 131 4.30 1.01 6.63
CA ALA A 131 5.41 1.95 6.63
C ALA A 131 6.05 2.08 8.01
N GLU A 132 5.20 2.20 9.05
CA GLU A 132 5.73 2.33 10.40
C GLU A 132 6.35 1.00 10.87
N ARG A 133 5.77 -0.13 10.46
CA ARG A 133 6.34 -1.42 10.81
C ARG A 133 7.76 -1.55 10.23
N ILE A 134 7.94 -1.14 8.97
CA ILE A 134 9.27 -1.20 8.37
C ILE A 134 10.25 -0.29 9.10
N ARG A 135 9.81 0.92 9.48
CA ARG A 135 10.68 1.79 10.27
C ARG A 135 11.09 1.14 11.59
N GLN A 136 10.15 0.46 12.25
CA GLN A 136 10.48 -0.21 13.50
C GLN A 136 11.45 -1.36 13.27
N LEU A 137 11.25 -2.13 12.21
CA LEU A 137 12.19 -3.20 11.89
C LEU A 137 13.61 -2.65 11.73
N LYS A 138 13.74 -1.51 11.05
CA LYS A 138 15.05 -0.90 10.89
C LYS A 138 15.66 -0.53 12.24
N THR A 139 14.84 -0.04 13.17
CA THR A 139 15.32 0.23 14.51
C THR A 139 15.83 -1.04 15.18
N VAL A 140 15.06 -2.12 15.08
CA VAL A 140 15.48 -3.40 15.68
C VAL A 140 16.80 -3.85 15.10
N LEU A 141 16.90 -3.88 13.77
CA LEU A 141 18.12 -4.38 13.14
C LEU A 141 19.32 -3.51 13.50
N GLY A 142 19.13 -2.20 13.53
CA GLY A 142 20.21 -1.32 13.95
C GLY A 142 20.71 -1.62 15.35
N LYS A 143 19.78 -1.86 16.27
CA LYS A 143 20.16 -2.18 17.64
C LYS A 143 20.91 -3.52 17.70
N MET A 144 20.48 -4.50 16.90
CA MET A 144 21.21 -5.77 16.86
C MET A 144 22.65 -5.56 16.41
N GLN A 145 22.86 -4.68 15.45
CA GLN A 145 24.20 -4.44 14.93
C GLN A 145 25.06 -3.64 15.90
N GLU A 146 24.44 -2.81 16.75
CA GLU A 146 25.15 -1.94 17.67
C GLU A 146 25.73 -2.65 18.88
N ALA A 147 25.21 -3.83 19.23
CA ALA A 147 25.62 -4.50 20.45
C ALA A 147 27.12 -4.82 20.39
N PRO A 148 27.79 -4.88 21.55
CA PRO A 148 29.22 -5.20 21.55
C PRO A 148 29.50 -6.51 20.84
N ASP A 149 30.62 -6.56 20.14
CA ASP A 149 30.92 -7.70 19.28
C ASP A 149 31.03 -9.00 20.07
N SER A 150 31.32 -8.93 21.36
CA SER A 150 31.44 -10.13 22.17
C SER A 150 30.08 -10.73 22.53
N THR A 151 29.06 -9.88 22.63
CA THR A 151 27.72 -10.31 23.04
C THR A 151 27.01 -11.05 21.92
N THR A 152 26.21 -12.03 22.30
CA THR A 152 25.37 -12.78 21.37
C THR A 152 23.97 -12.17 21.40
N VAL A 153 23.47 -11.77 20.24
CA VAL A 153 22.20 -11.06 20.14
C VAL A 153 21.15 -11.98 19.54
N ILE A 154 20.02 -12.10 20.24
CA ILE A 154 18.87 -12.87 19.75
C ILE A 154 17.64 -11.98 19.87
N PHE A 155 16.96 -11.78 18.76
CA PHE A 155 15.63 -11.16 18.73
C PHE A 155 14.60 -12.24 18.47
N ALA A 156 13.52 -12.23 19.25
CA ALA A 156 12.40 -13.12 18.99
C ALA A 156 11.14 -12.36 19.32
N GLY A 157 10.22 -12.29 18.37
CA GLY A 157 9.02 -11.52 18.64
C GLY A 157 8.00 -11.59 17.53
N ASP A 158 6.94 -10.81 17.70
CA ASP A 158 5.85 -10.74 16.73
C ASP A 158 6.14 -9.56 15.82
N THR A 159 6.63 -9.86 14.62
CA THR A 159 7.05 -8.82 13.69
C THR A 159 5.93 -8.30 12.80
N ASN A 160 4.82 -9.03 12.67
CA ASN A 160 3.75 -8.68 11.75
C ASN A 160 4.23 -8.52 10.30
N LEU A 161 5.37 -9.11 9.96
CA LEU A 161 5.96 -8.88 8.65
C LEU A 161 5.33 -9.73 7.56
N ARG A 162 5.23 -9.12 6.39
CA ARG A 162 5.07 -9.79 5.11
C ARG A 162 6.43 -9.87 4.43
N ASP A 163 6.67 -10.95 3.70
CA ASP A 163 7.96 -11.12 3.04
C ASP A 163 8.32 -9.92 2.17
N GLN A 164 7.34 -9.36 1.45
CA GLN A 164 7.65 -8.24 0.57
C GLN A 164 8.16 -7.04 1.37
N GLU A 165 7.78 -6.93 2.65
CA GLU A 165 8.21 -5.80 3.45
C GLU A 165 9.66 -5.90 3.86
N VAL A 166 10.16 -7.12 4.10
CA VAL A 166 11.57 -7.28 4.38
C VAL A 166 12.39 -6.94 3.14
N ILE A 167 11.87 -7.24 1.94
CA ILE A 167 12.56 -6.85 0.71
C ILE A 167 12.60 -5.33 0.57
N LYS A 168 11.49 -4.65 0.88
CA LYS A 168 11.48 -3.20 0.84
C LYS A 168 12.51 -2.62 1.80
N CYS A 169 12.77 -3.33 2.88
CA CYS A 169 13.80 -2.94 3.84
C CYS A 169 15.20 -3.10 3.28
N GLY A 170 15.36 -3.89 2.22
CA GLY A 170 16.66 -4.24 1.71
C GLY A 170 17.17 -5.61 2.12
N GLY A 171 16.37 -6.38 2.85
CA GLY A 171 16.78 -7.67 3.35
C GLY A 171 17.51 -7.56 4.67
N LEU A 172 17.63 -8.70 5.35
CA LEU A 172 18.38 -8.73 6.60
C LEU A 172 19.85 -8.40 6.34
N PRO A 173 20.49 -7.66 7.25
CA PRO A 173 21.92 -7.36 7.09
C PRO A 173 22.76 -8.63 7.06
N ASP A 174 24.02 -8.47 6.63
CA ASP A 174 24.84 -9.62 6.28
C ASP A 174 25.09 -10.56 7.46
N ASN A 175 25.23 -10.01 8.67
CA ASN A 175 25.52 -10.83 9.83
C ASN A 175 24.29 -11.13 10.70
N VAL A 176 23.09 -10.96 10.14
CA VAL A 176 21.85 -11.21 10.87
C VAL A 176 21.06 -12.25 10.09
N PHE A 177 20.65 -13.31 10.79
CA PHE A 177 20.02 -14.47 10.18
C PHE A 177 18.67 -14.71 10.82
N ASP A 178 17.74 -15.24 10.03
CA ASP A 178 16.43 -15.69 10.47
C ASP A 178 16.52 -17.19 10.74
N ALA A 179 16.13 -17.61 11.95
CA ALA A 179 16.32 -19.01 12.35
C ALA A 179 15.57 -19.97 11.43
N TRP A 180 14.34 -19.60 11.04
CA TRP A 180 13.55 -20.45 10.15
C TRP A 180 14.22 -20.58 8.78
N GLU A 181 14.76 -19.49 8.26
CA GLU A 181 15.51 -19.55 7.01
C GLU A 181 16.76 -20.40 7.17
N PHE A 182 17.47 -20.24 8.28
CA PHE A 182 18.72 -20.96 8.50
C PHE A 182 18.48 -22.46 8.46
N LEU A 183 17.37 -22.91 9.04
CA LEU A 183 17.01 -24.31 9.09
C LEU A 183 16.38 -24.81 7.80
N GLY A 184 16.40 -24.02 6.73
CA GLY A 184 15.93 -24.48 5.44
C GLY A 184 14.46 -24.30 5.17
N LYS A 185 13.81 -23.35 5.83
CA LYS A 185 12.41 -23.00 5.62
C LYS A 185 11.50 -24.21 5.79
N PRO A 186 11.58 -24.90 6.92
CA PRO A 186 10.74 -26.10 7.12
C PRO A 186 9.25 -25.75 7.11
N LYS A 187 8.47 -26.59 6.41
CA LYS A 187 7.05 -26.32 6.24
C LYS A 187 6.27 -26.46 7.55
N HIS A 188 6.72 -27.31 8.48
CA HIS A 188 5.88 -27.62 9.63
C HIS A 188 5.71 -26.43 10.57
N CYS A 189 6.61 -25.45 10.55
CA CYS A 189 6.50 -24.31 11.46
C CYS A 189 6.53 -22.99 10.70
N GLN A 190 6.19 -23.02 9.41
CA GLN A 190 6.24 -21.82 8.59
C GLN A 190 5.24 -20.76 9.05
N TYR A 191 3.98 -21.14 9.23
CA TYR A 191 2.94 -20.17 9.55
C TYR A 191 2.68 -20.18 11.05
N THR A 192 2.70 -18.99 11.66
CA THR A 192 2.50 -18.83 13.09
C THR A 192 1.18 -18.17 13.42
N TRP A 193 0.40 -17.79 12.40
CA TRP A 193 -0.91 -17.17 12.57
C TRP A 193 -1.76 -17.66 11.40
N ASP A 194 -2.82 -18.41 11.69
CA ASP A 194 -3.51 -19.19 10.65
C ASP A 194 -4.98 -19.30 11.02
N THR A 195 -5.82 -18.53 10.33
CA THR A 195 -7.24 -18.48 10.69
C THR A 195 -8.03 -19.67 10.18
N LYS A 196 -7.46 -20.53 9.35
CA LYS A 196 -8.11 -21.79 9.03
C LYS A 196 -7.98 -22.77 10.18
N ALA A 197 -6.80 -22.83 10.78
CA ALA A 197 -6.51 -23.79 11.83
C ALA A 197 -6.82 -23.26 13.22
N ASN A 198 -6.92 -21.94 13.38
CA ASN A 198 -7.13 -21.28 14.66
C ASN A 198 -8.35 -20.39 14.55
N ASN A 199 -9.35 -20.59 15.41
CA ASN A 199 -10.59 -19.84 15.34
CA ASN A 199 -10.59 -19.83 15.34
C ASN A 199 -10.76 -18.87 16.50
N ASN A 200 -9.69 -18.52 17.22
CA ASN A 200 -9.85 -17.66 18.39
C ASN A 200 -10.45 -16.30 18.02
N LEU A 201 -10.06 -15.74 16.87
CA LEU A 201 -10.58 -14.44 16.45
C LEU A 201 -11.92 -14.55 15.73
N ARG A 202 -12.36 -15.77 15.41
CA ARG A 202 -13.64 -15.99 14.76
C ARG A 202 -13.70 -15.31 13.38
N ILE A 203 -12.55 -15.25 12.71
CA ILE A 203 -12.49 -14.74 11.34
C ILE A 203 -13.01 -15.83 10.40
N PRO A 204 -14.08 -15.56 9.62
CA PRO A 204 -14.68 -16.61 8.78
C PRO A 204 -14.02 -16.67 7.40
N ALA A 205 -12.71 -16.87 7.41
CA ALA A 205 -11.89 -16.83 6.21
C ALA A 205 -10.57 -17.51 6.55
N ALA A 206 -9.83 -17.89 5.51
CA ALA A 206 -8.59 -18.64 5.67
C ALA A 206 -7.41 -17.79 5.19
N TYR A 207 -6.65 -17.25 6.14
CA TYR A 207 -5.43 -16.49 5.87
C TYR A 207 -4.34 -16.98 6.83
N LYS A 208 -3.10 -17.00 6.35
CA LYS A 208 -2.01 -17.48 7.18
C LYS A 208 -0.73 -16.70 6.87
N HIS A 209 0.04 -16.45 7.93
CA HIS A 209 1.22 -15.59 7.87
C HIS A 209 2.30 -16.09 8.81
N ARG A 210 3.55 -15.77 8.46
CA ARG A 210 4.70 -15.99 9.34
C ARG A 210 5.04 -14.67 10.03
N PHE A 211 4.18 -14.31 10.99
CA PHE A 211 4.33 -13.05 11.71
C PHE A 211 5.40 -13.12 12.78
N ASP A 212 5.56 -14.28 13.42
CA ASP A 212 6.45 -14.45 14.55
C ASP A 212 7.79 -14.97 14.03
N ARG A 213 8.86 -14.26 14.34
CA ARG A 213 10.17 -14.52 13.73
C ARG A 213 11.28 -14.39 14.77
N ILE A 214 12.38 -15.08 14.47
CA ILE A 214 13.59 -15.11 15.30
C ILE A 214 14.76 -14.66 14.44
N PHE A 215 15.44 -13.60 14.88
CA PHE A 215 16.67 -13.12 14.25
C PHE A 215 17.83 -13.28 15.21
N PHE A 216 19.01 -13.62 14.69
CA PHE A 216 20.18 -13.68 15.55
C PHE A 216 21.38 -13.12 14.81
N ARG A 217 22.30 -12.55 15.57
CA ARG A 217 23.54 -12.01 15.04
C ARG A 217 24.66 -12.97 15.40
N ALA A 218 25.40 -13.42 14.39
CA ALA A 218 26.39 -14.46 14.58
C ALA A 218 27.68 -14.07 13.87
N GLU A 220 30.59 -15.66 13.56
CA GLU A 220 30.68 -16.65 12.49
C GLU A 220 30.70 -18.06 13.04
N GLY A 221 29.64 -18.80 12.75
CA GLY A 221 29.46 -20.14 13.30
C GLY A 221 29.30 -20.18 14.79
N HIS A 222 29.27 -19.04 15.48
CA HIS A 222 29.20 -19.05 16.93
C HIS A 222 27.82 -19.37 17.47
N LEU A 223 26.76 -19.16 16.68
CA LEU A 223 25.39 -19.47 17.09
C LEU A 223 24.73 -20.31 16.01
N ILE A 224 24.34 -21.54 16.36
CA ILE A 224 23.81 -22.49 15.40
CA ILE A 224 23.80 -22.46 15.38
C ILE A 224 22.42 -22.96 15.81
N PRO A 225 21.36 -22.54 15.14
CA PRO A 225 20.04 -23.08 15.43
C PRO A 225 20.03 -24.60 15.26
N GLN A 226 19.39 -25.27 16.21
CA GLN A 226 19.27 -26.72 16.21
C GLN A 226 17.89 -27.21 15.83
N SER A 227 16.84 -26.49 16.24
CA SER A 227 15.47 -26.92 15.98
C SER A 227 14.54 -25.74 16.10
N LEU A 228 13.41 -25.86 15.41
CA LEU A 228 12.32 -24.89 15.49
C LEU A 228 11.02 -25.66 15.35
N ASP A 229 10.08 -25.43 16.27
CA ASP A 229 8.81 -26.16 16.31
C ASP A 229 7.71 -25.23 16.80
N LEU A 230 6.47 -25.50 16.38
CA LEU A 230 5.34 -24.74 16.91
C LEU A 230 4.86 -25.32 18.22
N VAL A 231 4.30 -24.45 19.06
CA VAL A 231 3.60 -24.86 20.28
C VAL A 231 2.27 -24.13 20.35
N GLY A 232 1.39 -24.65 21.20
CA GLY A 232 0.09 -24.04 21.43
C GLY A 232 -1.00 -24.48 20.48
N LEU A 233 -0.86 -25.65 19.86
CA LEU A 233 -1.83 -26.10 18.86
C LEU A 233 -2.93 -26.97 19.45
N GLU A 234 -3.01 -27.12 20.77
CA GLU A 234 -4.04 -27.93 21.41
C GLU A 234 -5.16 -27.02 21.90
N LYS A 235 -6.40 -27.37 21.57
CA LYS A 235 -7.54 -26.68 22.16
C LYS A 235 -7.61 -26.98 23.65
N LEU A 236 -7.99 -25.97 24.42
CA LEU A 236 -8.16 -26.07 25.86
C LEU A 236 -9.57 -26.52 26.21
N ASP A 237 -9.87 -26.62 27.51
CA ASP A 237 -11.17 -27.10 27.96
CA ASP A 237 -11.18 -27.12 27.93
C ASP A 237 -12.32 -26.26 27.38
N CYS A 238 -12.10 -24.95 27.26
CA CYS A 238 -13.11 -24.03 26.74
C CYS A 238 -13.32 -24.15 25.23
N GLY A 239 -12.55 -24.97 24.54
CA GLY A 239 -12.73 -25.14 23.11
C GLY A 239 -11.97 -24.15 22.26
N ARG A 240 -11.09 -23.36 22.87
CA ARG A 240 -10.30 -22.37 22.17
C ARG A 240 -8.82 -22.64 22.46
N PHE A 241 -7.97 -21.98 21.69
CA PHE A 241 -6.53 -22.12 21.84
C PHE A 241 -5.99 -21.11 22.84
N PRO A 242 -4.76 -21.33 23.33
CA PRO A 242 -4.16 -20.32 24.23
C PRO A 242 -4.14 -18.93 23.62
N SER A 243 -3.96 -18.84 22.31
CA SER A 243 -3.83 -17.56 21.62
C SER A 243 -4.31 -17.71 20.19
N ASP A 244 -4.51 -16.57 19.51
CA ASP A 244 -4.71 -16.60 18.05
C ASP A 244 -3.41 -16.89 17.30
N HIS A 245 -2.25 -16.73 17.94
CA HIS A 245 -0.97 -17.14 17.38
C HIS A 245 -0.55 -18.50 17.91
N TRP A 246 0.23 -19.21 17.10
CA TRP A 246 1.05 -20.29 17.61
C TRP A 246 2.33 -19.70 18.18
N GLY A 247 2.89 -20.39 19.18
CA GLY A 247 4.21 -20.05 19.67
C GLY A 247 5.30 -20.79 18.92
N LEU A 248 6.53 -20.30 19.06
CA LEU A 248 7.71 -20.94 18.49
C LEU A 248 8.65 -21.39 19.59
N LEU A 249 9.05 -22.65 19.53
CA LEU A 249 10.05 -23.26 20.40
C LEU A 249 11.34 -23.44 19.59
N CYS A 250 12.42 -22.84 20.07
CA CYS A 250 13.69 -22.87 19.37
C CYS A 250 14.81 -23.28 20.30
N THR A 251 15.74 -24.10 19.82
CA THR A 251 16.99 -24.35 20.52
C THR A 251 18.14 -23.94 19.63
N LEU A 252 19.15 -23.35 20.25
CA LEU A 252 20.35 -22.85 19.59
C LEU A 252 21.57 -23.33 20.36
N ASN A 253 22.63 -23.67 19.65
CA ASN A 253 23.88 -24.03 20.29
CA ASN A 253 23.89 -24.06 20.24
C ASN A 253 24.87 -22.89 20.15
N VAL A 254 25.54 -22.59 21.26
CA VAL A 254 26.61 -21.60 21.31
C VAL A 254 27.93 -22.33 21.15
N VAL A 255 28.65 -22.03 20.08
CA VAL A 255 29.82 -22.81 19.68
C VAL A 255 31.08 -21.96 19.74
N LEU A 256 32.20 -22.62 20.10
CA LEU A 256 33.52 -22.01 20.13
C LEU A 256 33.98 -21.54 18.75
N SER B 8 -2.76 26.16 -37.93
N SER B 8 -2.75 25.91 -38.72
CA SER B 8 -4.07 26.57 -37.42
CA SER B 8 -3.83 25.06 -38.23
C SER B 8 -4.18 26.17 -35.96
C SER B 8 -3.67 24.78 -36.74
N THR B 9 -5.05 26.84 -35.21
N THR B 9 -4.79 24.80 -36.02
CA THR B 9 -5.17 26.59 -33.79
CA THR B 9 -4.79 24.62 -34.57
C THR B 9 -6.35 25.66 -33.53
C THR B 9 -5.77 23.51 -34.20
N ILE B 10 -6.16 24.73 -32.60
N ILE B 10 -5.67 23.06 -32.96
CA ILE B 10 -7.22 23.83 -32.17
CA ILE B 10 -6.66 22.19 -32.35
C ILE B 10 -7.33 23.95 -30.65
C ILE B 10 -6.82 22.62 -30.91
N SER B 11 -8.48 23.54 -30.13
N SER B 11 -8.08 22.67 -30.44
CA SER B 11 -8.69 23.51 -28.70
CA SER B 11 -8.40 23.01 -29.07
C SER B 11 -9.47 22.26 -28.32
C SER B 11 -9.25 21.91 -28.46
N PHE B 12 -9.16 21.75 -27.15
CA PHE B 12 -9.94 20.69 -26.53
C PHE B 12 -10.08 20.92 -25.03
N ILE B 13 -11.08 20.25 -24.47
CA ILE B 13 -11.27 20.16 -23.03
C ILE B 13 -11.27 18.69 -22.65
N THR B 14 -10.57 18.35 -21.57
CA THR B 14 -10.74 17.05 -20.92
C THR B 14 -11.28 17.28 -19.52
N TRP B 15 -12.25 16.46 -19.11
CA TRP B 15 -12.96 16.73 -17.86
C TRP B 15 -13.63 15.46 -17.35
N ASN B 16 -13.30 15.07 -16.13
CA ASN B 16 -14.06 14.06 -15.40
C ASN B 16 -15.23 14.78 -14.76
N ILE B 17 -16.45 14.50 -15.23
CA ILE B 17 -17.61 15.31 -14.87
C ILE B 17 -18.45 14.67 -13.76
N ASP B 18 -17.94 13.61 -13.12
CA ASP B 18 -18.51 13.06 -11.89
C ASP B 18 -19.99 12.71 -12.05
N GLY B 19 -20.29 11.93 -13.10
CA GLY B 19 -21.64 11.44 -13.28
C GLY B 19 -22.08 10.48 -12.22
N LEU B 20 -21.14 9.93 -11.43
CA LEU B 20 -21.47 9.05 -10.33
C LEU B 20 -22.03 9.79 -9.12
N ASP B 21 -21.90 11.12 -9.08
CA ASP B 21 -22.55 11.93 -8.06
C ASP B 21 -23.95 12.25 -8.54
N GLY B 22 -24.96 11.61 -7.95
CA GLY B 22 -26.32 11.87 -8.36
C GLY B 22 -26.90 13.19 -7.86
N CYS B 23 -26.25 13.82 -6.89
CA CYS B 23 -26.78 15.05 -6.32
CA CYS B 23 -26.79 15.05 -6.31
C CYS B 23 -26.58 16.21 -7.28
N ASN B 24 -27.67 16.93 -7.56
CA ASN B 24 -27.66 18.10 -8.45
C ASN B 24 -27.17 17.75 -9.85
N LEU B 25 -27.33 16.50 -10.27
CA LEU B 25 -26.68 16.08 -11.51
C LEU B 25 -27.25 16.80 -12.72
N PRO B 26 -28.58 16.96 -12.84
CA PRO B 26 -29.09 17.72 -14.00
C PRO B 26 -28.53 19.13 -14.07
N GLU B 27 -28.51 19.86 -12.96
CA GLU B 27 -27.96 21.21 -12.96
C GLU B 27 -26.47 21.21 -13.26
N ARG B 28 -25.73 20.22 -12.76
CA ARG B 28 -24.29 20.18 -12.99
C ARG B 28 -23.97 19.82 -14.44
N ALA B 29 -24.78 18.96 -15.06
CA ALA B 29 -24.60 18.67 -16.48
C ALA B 29 -24.86 19.92 -17.33
N ARG B 30 -25.90 20.67 -17.00
CA ARG B 30 -26.13 21.92 -17.70
C ARG B 30 -24.97 22.88 -17.47
N GLY B 31 -24.39 22.84 -16.26
CA GLY B 31 -23.23 23.67 -15.97
C GLY B 31 -22.00 23.30 -16.78
N VAL B 32 -21.74 21.99 -16.93
CA VAL B 32 -20.67 21.55 -17.81
C VAL B 32 -20.87 22.09 -19.22
N CYS B 33 -22.08 21.97 -19.75
CA CYS B 33 -22.29 22.34 -21.14
C CYS B 33 -22.29 23.85 -21.33
N SER B 34 -22.64 24.63 -20.30
CA SER B 34 -22.48 26.07 -20.40
C SER B 34 -21.00 26.44 -20.51
N CYS B 35 -20.13 25.70 -19.81
CA CYS B 35 -18.69 25.91 -19.96
CA CYS B 35 -18.69 25.91 -19.97
C CYS B 35 -18.24 25.52 -21.37
N LEU B 36 -18.72 24.38 -21.89
CA LEU B 36 -18.38 23.97 -23.24
C LEU B 36 -18.84 25.01 -24.27
N ALA B 37 -20.02 25.60 -24.06
CA ALA B 37 -20.51 26.61 -24.99
C ALA B 37 -19.61 27.84 -25.01
N LEU B 38 -19.06 28.19 -23.85
CA LEU B 38 -18.21 29.38 -23.77
C LEU B 38 -16.95 29.22 -24.60
N TYR B 39 -16.35 28.03 -24.59
CA TYR B 39 -15.06 27.82 -25.24
C TYR B 39 -15.16 27.17 -26.61
N SER B 40 -16.30 26.55 -26.93
CA SER B 40 -16.54 25.93 -28.24
CA SER B 40 -16.54 25.92 -28.24
C SER B 40 -15.35 25.10 -28.70
N PRO B 41 -14.88 24.15 -27.90
CA PRO B 41 -13.70 23.37 -28.28
C PRO B 41 -13.94 22.46 -29.47
N ASP B 42 -12.87 22.17 -30.20
CA ASP B 42 -12.93 21.22 -31.31
C ASP B 42 -13.22 19.81 -30.81
N VAL B 43 -12.67 19.44 -29.66
CA VAL B 43 -12.77 18.09 -29.12
C VAL B 43 -13.04 18.22 -27.63
N VAL B 44 -13.90 17.34 -27.11
CA VAL B 44 -14.09 17.21 -25.67
C VAL B 44 -13.86 15.75 -25.28
N PHE B 45 -13.02 15.54 -24.27
CA PHE B 45 -12.79 14.24 -23.68
C PHE B 45 -13.47 14.22 -22.31
N LEU B 46 -14.38 13.27 -22.10
CA LEU B 46 -15.12 13.21 -20.85
C LEU B 46 -14.91 11.87 -20.17
N GLN B 47 -14.90 11.91 -18.83
CA GLN B 47 -14.90 10.70 -18.02
C GLN B 47 -16.04 10.74 -17.01
N GLU B 48 -16.45 9.55 -16.59
CA GLU B 48 -17.58 9.33 -15.66
C GLU B 48 -18.91 9.80 -16.23
N VAL B 49 -19.09 9.61 -17.55
CA VAL B 49 -20.41 9.75 -18.16
C VAL B 49 -21.26 8.54 -17.79
N ILE B 50 -22.55 8.79 -17.52
CA ILE B 50 -23.50 7.69 -17.29
C ILE B 50 -24.59 7.77 -18.37
N PRO B 51 -25.40 6.74 -18.55
CA PRO B 51 -26.31 6.69 -19.71
C PRO B 51 -27.22 7.91 -19.83
N PRO B 52 -27.90 8.36 -18.77
CA PRO B 52 -28.77 9.54 -18.96
C PRO B 52 -28.00 10.80 -19.24
N TYR B 53 -26.75 10.89 -18.77
CA TYR B 53 -25.89 12.02 -19.09
C TYR B 53 -25.50 11.98 -20.57
N CYS B 54 -25.19 10.78 -21.07
CA CYS B 54 -24.91 10.62 -22.49
C CYS B 54 -26.12 10.99 -23.33
N ALA B 55 -27.31 10.58 -22.91
CA ALA B 55 -28.51 10.93 -23.65
C ALA B 55 -28.72 12.44 -23.68
N TYR B 56 -28.46 13.11 -22.57
CA TYR B 56 -28.50 14.58 -22.55
C TYR B 56 -27.50 15.17 -23.54
N LEU B 57 -26.27 14.67 -23.54
CA LEU B 57 -25.26 15.21 -24.45
C LEU B 57 -25.63 14.99 -25.90
N LYS B 58 -26.30 13.89 -26.23
CA LYS B 58 -26.65 13.64 -27.63
C LYS B 58 -27.62 14.70 -28.15
N LYS B 59 -28.39 15.32 -27.25
CA LYS B 59 -29.29 16.40 -27.65
C LYS B 59 -28.63 17.76 -27.52
N ARG B 60 -28.01 18.04 -26.36
CA ARG B 60 -27.40 19.33 -26.10
C ARG B 60 -26.18 19.57 -27.00
N ALA B 61 -25.42 18.52 -27.28
CA ALA B 61 -24.20 18.60 -28.09
C ALA B 61 -24.40 17.92 -29.44
N ALA B 62 -25.60 18.08 -30.00
CA ALA B 62 -25.91 17.47 -31.29
C ALA B 62 -25.03 17.99 -32.42
N SER B 63 -24.36 19.12 -32.19
CA SER B 63 -23.37 19.67 -33.12
C SER B 63 -22.02 18.97 -33.03
N TYR B 64 -21.89 17.97 -32.17
CA TYR B 64 -20.69 17.14 -32.06
C TYR B 64 -21.05 15.70 -32.38
N THR B 65 -20.10 14.98 -32.97
CA THR B 65 -20.17 13.54 -33.06
C THR B 65 -19.72 12.96 -31.73
N ILE B 66 -20.52 12.05 -31.17
CA ILE B 66 -20.29 11.54 -29.82
C ILE B 66 -19.92 10.06 -29.89
N ILE B 67 -18.73 9.75 -29.41
CA ILE B 67 -18.18 8.40 -29.35
C ILE B 67 -18.08 8.01 -27.89
N THR B 68 -18.55 6.81 -27.53
CA THR B 68 -18.58 6.41 -26.12
C THR B 68 -17.78 5.13 -25.86
N GLY B 69 -17.26 5.04 -24.64
CA GLY B 69 -16.43 3.91 -24.21
C GLY B 69 -17.20 2.72 -23.70
N ASN B 70 -18.49 2.86 -23.49
CA ASN B 70 -19.36 1.78 -23.04
CA ASN B 70 -19.36 1.78 -23.06
C ASN B 70 -20.79 2.28 -23.14
N GLU B 71 -21.74 1.39 -22.89
CA GLU B 71 -23.15 1.76 -22.92
C GLU B 71 -23.84 1.64 -21.56
N GLU B 72 -23.21 1.02 -20.58
CA GLU B 72 -23.79 0.86 -19.26
CA GLU B 72 -23.80 0.89 -19.25
C GLU B 72 -22.77 1.24 -18.19
N GLY B 73 -23.26 1.46 -16.98
CA GLY B 73 -22.38 1.80 -15.88
C GLY B 73 -21.93 3.24 -15.99
N TYR B 74 -20.63 3.45 -15.94
CA TYR B 74 -20.07 4.77 -16.22
C TYR B 74 -18.88 4.58 -17.15
N PHE B 75 -18.62 5.59 -17.97
CA PHE B 75 -17.71 5.39 -19.10
C PHE B 75 -17.21 6.73 -19.61
N THR B 76 -16.27 6.66 -20.53
CA THR B 76 -15.70 7.83 -21.18
C THR B 76 -16.44 8.17 -22.46
N ALA B 77 -16.18 9.36 -22.97
CA ALA B 77 -16.72 9.79 -24.25
C ALA B 77 -15.75 10.77 -24.90
N ILE B 78 -15.78 10.80 -26.23
CA ILE B 78 -15.07 11.80 -27.00
C ILE B 78 -16.07 12.47 -27.92
N LEU B 79 -16.13 13.80 -27.85
CA LEU B 79 -17.02 14.63 -28.66
C LEU B 79 -16.21 15.36 -29.71
N LEU B 80 -16.65 15.29 -30.97
CA LEU B 80 -15.90 15.82 -32.10
C LEU B 80 -16.75 16.86 -32.84
N LYS B 81 -16.26 18.10 -32.92
CA LYS B 81 -17.08 19.17 -33.47
C LYS B 81 -17.30 18.95 -34.96
N LYS B 82 -18.57 18.83 -35.37
CA LYS B 82 -18.89 18.63 -36.78
C LYS B 82 -18.47 19.85 -37.59
N GLY B 83 -17.90 19.60 -38.76
CA GLY B 83 -17.43 20.67 -39.61
C GLY B 83 -16.02 21.13 -39.33
N ARG B 84 -15.46 20.76 -38.19
CA ARG B 84 -14.03 20.93 -37.88
C ARG B 84 -13.29 19.62 -37.88
N VAL B 85 -13.90 18.57 -37.32
CA VAL B 85 -13.26 17.28 -37.15
C VAL B 85 -13.98 16.25 -38.02
N LYS B 86 -13.23 15.52 -38.84
CA LYS B 86 -13.75 14.42 -39.62
C LYS B 86 -13.49 13.12 -38.88
N PHE B 87 -14.56 12.41 -38.54
CA PHE B 87 -14.48 11.15 -37.82
C PHE B 87 -14.22 9.99 -38.79
N LYS B 88 -13.14 9.25 -38.57
CA LYS B 88 -12.76 8.14 -39.45
C LYS B 88 -12.93 6.76 -38.83
N SER B 89 -12.69 6.60 -37.53
CA SER B 89 -12.94 5.32 -36.87
C SER B 89 -12.78 5.48 -35.36
N GLN B 90 -13.33 4.51 -34.63
CA GLN B 90 -13.13 4.40 -33.20
C GLN B 90 -12.54 3.04 -32.86
N GLU B 91 -11.74 3.02 -31.79
CA GLU B 91 -11.13 1.78 -31.32
C GLU B 91 -11.23 1.76 -29.80
N ILE B 92 -11.64 0.62 -29.25
CA ILE B 92 -11.68 0.44 -27.80
C ILE B 92 -10.75 -0.70 -27.45
N ILE B 93 -9.84 -0.43 -26.51
CA ILE B 93 -8.85 -1.40 -26.05
C ILE B 93 -9.15 -1.74 -24.60
N PRO B 94 -9.29 -3.00 -24.25
CA PRO B 94 -9.65 -3.34 -22.87
C PRO B 94 -8.45 -3.23 -21.94
N PHE B 95 -8.78 -3.02 -20.67
CA PHE B 95 -7.84 -3.22 -19.57
C PHE B 95 -8.24 -4.53 -18.90
N PRO B 96 -7.61 -5.66 -19.23
CA PRO B 96 -8.15 -6.96 -18.79
C PRO B 96 -8.29 -7.12 -17.29
N ASN B 97 -7.50 -6.42 -16.48
CA ASN B 97 -7.53 -6.62 -15.04
C ASN B 97 -8.22 -5.49 -14.29
N THR B 98 -8.91 -4.59 -14.98
CA THR B 98 -9.63 -3.54 -14.26
C THR B 98 -10.71 -4.14 -13.38
N LYS B 99 -10.91 -3.52 -12.23
CA LYS B 99 -12.03 -3.83 -11.34
C LYS B 99 -13.08 -2.73 -11.39
N MET B 100 -12.94 -1.77 -12.31
CA MET B 100 -13.79 -0.59 -12.36
C MET B 100 -14.23 -0.29 -13.79
N MET B 101 -14.21 -1.32 -14.66
CA MET B 101 -14.74 -1.22 -16.03
CA MET B 101 -14.74 -1.22 -16.03
C MET B 101 -13.99 -0.18 -16.87
N ARG B 102 -12.75 0.09 -16.52
CA ARG B 102 -11.97 1.09 -17.25
C ARG B 102 -11.42 0.50 -18.56
N ASN B 103 -11.18 1.38 -19.53
CA ASN B 103 -10.67 0.95 -20.84
C ASN B 103 -10.01 2.14 -21.51
N LEU B 104 -9.55 1.92 -22.75
CA LEU B 104 -8.88 2.94 -23.53
C LEU B 104 -9.67 3.18 -24.80
N LEU B 105 -10.16 4.40 -24.96
CA LEU B 105 -11.00 4.78 -26.09
C LEU B 105 -10.19 5.65 -27.03
N CYS B 106 -10.11 5.25 -28.30
CA CYS B 106 -9.37 5.99 -29.31
C CYS B 106 -10.28 6.34 -30.48
N VAL B 107 -10.04 7.51 -31.08
CA VAL B 107 -10.71 7.87 -32.32
C VAL B 107 -9.67 8.38 -33.30
N ASN B 108 -9.78 7.92 -34.52
CA ASN B 108 -8.96 8.41 -35.62
CA ASN B 108 -8.96 8.40 -35.63
C ASN B 108 -9.75 9.45 -36.38
N VAL B 109 -9.15 10.63 -36.57
CA VAL B 109 -9.84 11.79 -37.14
C VAL B 109 -8.88 12.57 -38.03
N SER B 110 -9.46 13.46 -38.84
N SER B 110 -9.45 13.49 -38.81
CA SER B 110 -8.75 14.56 -39.49
CA SER B 110 -8.68 14.44 -39.60
C SER B 110 -9.15 15.85 -38.80
C SER B 110 -9.13 15.85 -39.25
N LEU B 111 -8.16 16.68 -38.48
N LEU B 111 -8.18 16.77 -39.24
CA LEU B 111 -8.38 17.96 -37.83
CA LEU B 111 -8.45 18.21 -39.20
C LEU B 111 -7.21 18.88 -38.18
C LEU B 111 -7.82 18.77 -40.46
N GLY B 112 -7.52 20.10 -38.60
N GLY B 112 -8.63 18.91 -41.50
CA GLY B 112 -6.49 21.06 -38.94
CA GLY B 112 -8.12 19.26 -42.80
C GLY B 112 -5.63 20.67 -40.12
C GLY B 112 -7.11 18.23 -43.27
N GLY B 113 -6.11 19.77 -40.97
N GLY B 113 -5.84 18.59 -43.25
CA GLY B 113 -5.35 19.29 -42.11
CA GLY B 113 -4.82 17.69 -43.75
C GLY B 113 -4.41 18.16 -41.81
C GLY B 113 -4.10 16.85 -42.72
N ASN B 114 -4.45 17.59 -40.61
N ASN B 114 -4.31 17.13 -41.43
CA ASN B 114 -3.57 16.49 -40.25
CA ASN B 114 -3.57 16.47 -40.37
C ASN B 114 -4.39 15.35 -39.68
C ASN B 114 -4.39 15.35 -39.76
N GLU B 115 -3.80 14.15 -39.73
CA GLU B 115 -4.41 12.98 -39.11
C GLU B 115 -4.04 12.92 -37.64
N PHE B 116 -5.02 12.62 -36.81
CA PHE B 116 -4.84 12.49 -35.37
C PHE B 116 -5.40 11.16 -34.88
N CYS B 117 -4.76 10.62 -33.85
CA CYS B 117 -5.33 9.60 -32.99
C CYS B 117 -5.54 10.26 -31.64
N LEU B 118 -6.81 10.43 -31.25
CA LEU B 118 -7.20 11.06 -30.01
C LEU B 118 -7.67 9.98 -29.04
N MET B 119 -7.14 9.99 -27.82
CA MET B 119 -7.33 8.91 -26.87
C MET B 119 -7.76 9.45 -25.50
N THR B 120 -8.63 8.71 -24.81
CA THR B 120 -8.94 9.05 -23.43
C THR B 120 -9.17 7.78 -22.62
N SER B 121 -9.00 7.94 -21.31
CA SER B 121 -9.19 6.87 -20.35
C SER B 121 -9.44 7.51 -19.00
N HIS B 122 -9.98 6.69 -18.11
CA HIS B 122 -10.18 7.01 -16.70
C HIS B 122 -9.43 5.89 -15.98
N LEU B 123 -8.14 6.11 -15.70
CA LEU B 123 -7.34 5.02 -15.15
C LEU B 123 -7.81 4.67 -13.74
N GLU B 124 -7.59 3.40 -13.39
CA GLU B 124 -8.00 2.84 -12.11
C GLU B 124 -7.77 3.83 -10.97
N SER B 125 -8.80 4.01 -10.14
CA SER B 125 -8.83 5.01 -9.09
C SER B 125 -8.29 4.49 -7.76
N THR B 126 -7.80 5.43 -6.94
CA THR B 126 -7.44 5.34 -5.52
C THR B 126 -6.02 4.82 -5.30
N ARG B 127 -5.46 5.16 -4.14
CA ARG B 127 -4.08 4.77 -3.83
C ARG B 127 -3.93 3.26 -3.84
N GLU B 128 -4.92 2.54 -3.30
CA GLU B 128 -4.87 1.09 -3.20
C GLU B 128 -4.59 0.39 -4.53
N HIS B 129 -5.04 0.97 -5.64
CA HIS B 129 -4.95 0.30 -6.94
C HIS B 129 -3.82 0.85 -7.81
N SER B 130 -2.75 1.34 -7.17
CA SER B 130 -1.59 1.86 -7.87
C SER B 130 -1.03 0.88 -8.90
N ALA B 131 -0.88 -0.39 -8.51
CA ALA B 131 -0.24 -1.35 -9.41
C ALA B 131 -1.04 -1.52 -10.70
N GLU B 132 -2.36 -1.63 -10.60
CA GLU B 132 -3.18 -1.77 -11.80
C GLU B 132 -3.15 -0.48 -12.62
N ARG B 133 -3.15 0.67 -11.93
CA ARG B 133 -3.09 1.96 -12.63
C ARG B 133 -1.80 2.07 -13.45
N ILE B 134 -0.68 1.58 -12.91
CA ILE B 134 0.59 1.60 -13.65
C ILE B 134 0.52 0.68 -14.87
N ARG B 135 -0.07 -0.51 -14.71
CA ARG B 135 -0.22 -1.39 -15.86
C ARG B 135 -1.05 -0.74 -16.95
N GLN B 136 -2.09 0.00 -16.56
CA GLN B 136 -2.93 0.66 -17.56
C GLN B 136 -2.16 1.80 -18.23
N LEU B 137 -1.37 2.55 -17.47
CA LEU B 137 -0.55 3.58 -18.07
C LEU B 137 0.40 2.99 -19.11
N LYS B 138 0.98 1.83 -18.81
CA LYS B 138 1.85 1.19 -19.80
C LYS B 138 1.08 0.83 -21.06
N THR B 139 -0.17 0.37 -20.92
CA THR B 139 -1.00 0.08 -22.09
C THR B 139 -1.22 1.35 -22.91
N VAL B 140 -1.54 2.46 -22.24
CA VAL B 140 -1.75 3.72 -22.93
C VAL B 140 -0.49 4.12 -23.70
N LEU B 141 0.66 4.10 -23.00
CA LEU B 141 1.90 4.54 -23.64
C LEU B 141 2.26 3.64 -24.81
N GLY B 142 2.03 2.33 -24.68
CA GLY B 142 2.30 1.42 -25.78
C GLY B 142 1.45 1.71 -27.00
N LYS B 143 0.17 2.01 -26.77
CA LYS B 143 -0.73 2.34 -27.87
C LYS B 143 -0.31 3.63 -28.55
N MET B 144 0.20 4.60 -27.77
CA MET B 144 0.63 5.86 -28.38
C MET B 144 1.76 5.64 -29.37
N GLN B 145 2.56 4.60 -29.19
CA GLN B 145 3.67 4.34 -30.09
C GLN B 145 3.25 3.65 -31.39
N GLU B 146 2.00 3.21 -31.50
CA GLU B 146 1.63 2.37 -32.64
C GLU B 146 1.29 3.16 -33.89
N ALA B 147 0.83 4.40 -33.72
CA ALA B 147 0.41 5.19 -34.88
C ALA B 147 1.59 5.50 -35.80
N PRO B 148 1.33 5.69 -37.09
CA PRO B 148 2.38 6.16 -38.00
C PRO B 148 2.97 7.48 -37.53
N ASP B 149 4.26 7.68 -37.83
CA ASP B 149 4.93 8.90 -37.39
C ASP B 149 4.22 10.16 -37.86
N SER B 150 3.59 10.13 -39.03
CA SER B 150 2.92 11.31 -39.54
C SER B 150 1.58 11.58 -38.86
N THR B 151 1.07 10.64 -38.08
CA THR B 151 -0.14 10.85 -37.29
C THR B 151 0.24 11.48 -35.96
N THR B 152 -0.54 12.48 -35.54
CA THR B 152 -0.33 13.11 -34.26
C THR B 152 -1.22 12.43 -33.23
N VAL B 153 -0.62 12.01 -32.11
CA VAL B 153 -1.32 11.29 -31.05
C VAL B 153 -1.49 12.21 -29.86
N ILE B 154 -2.72 12.35 -29.38
CA ILE B 154 -3.02 13.08 -28.15
C ILE B 154 -3.82 12.16 -27.23
N PHE B 155 -3.32 11.97 -26.02
CA PHE B 155 -4.08 11.38 -24.93
C PHE B 155 -4.45 12.49 -23.96
N ALA B 156 -5.71 12.52 -23.55
CA ALA B 156 -6.16 13.46 -22.53
C ALA B 156 -7.20 12.74 -21.69
N GLY B 157 -6.99 12.69 -20.38
CA GLY B 157 -7.93 11.96 -19.54
C GLY B 157 -7.60 12.08 -18.08
N ASP B 158 -8.35 11.33 -17.28
CA ASP B 158 -8.18 11.28 -15.83
C ASP B 158 -7.29 10.07 -15.52
N THR B 159 -6.01 10.35 -15.24
CA THR B 159 -5.04 9.28 -15.02
C THR B 159 -4.96 8.81 -13.58
N ASN B 160 -5.49 9.58 -12.63
CA ASN B 160 -5.34 9.29 -11.21
C ASN B 160 -3.88 9.12 -10.79
N LEU B 161 -2.94 9.68 -11.55
CA LEU B 161 -1.53 9.40 -11.31
C LEU B 161 -0.95 10.26 -10.20
N ARG B 162 -0.03 9.63 -9.47
CA ARG B 162 0.97 10.31 -8.65
C ARG B 162 2.28 10.35 -9.43
N ASP B 163 3.08 11.39 -9.20
CA ASP B 163 4.34 11.52 -9.92
C ASP B 163 5.22 10.29 -9.75
N GLN B 164 5.23 9.71 -8.55
CA GLN B 164 6.11 8.56 -8.31
C GLN B 164 5.69 7.36 -9.15
N GLU B 165 4.40 7.26 -9.49
CA GLU B 165 3.94 6.15 -10.31
C GLU B 165 4.45 6.25 -11.74
N VAL B 166 4.59 7.48 -12.26
CA VAL B 166 5.17 7.65 -13.59
C VAL B 166 6.64 7.22 -13.57
N ILE B 167 7.36 7.56 -12.49
CA ILE B 167 8.75 7.11 -12.36
C ILE B 167 8.82 5.60 -12.34
N LYS B 168 7.96 4.96 -11.53
CA LYS B 168 7.94 3.50 -11.48
CA LYS B 168 7.93 3.50 -11.47
C LYS B 168 7.68 2.90 -12.86
N CYS B 169 6.90 3.60 -13.67
CA CYS B 169 6.60 3.15 -15.02
C CYS B 169 7.81 3.21 -15.94
N GLY B 170 8.85 3.95 -15.55
CA GLY B 170 9.99 4.22 -16.40
C GLY B 170 10.04 5.64 -16.92
N GLY B 171 9.12 6.50 -16.50
CA GLY B 171 9.00 7.84 -17.05
C GLY B 171 8.37 7.83 -18.42
N LEU B 172 7.93 9.01 -18.85
CA LEU B 172 7.43 9.13 -20.20
C LEU B 172 8.53 8.80 -21.21
N PRO B 173 8.20 8.11 -22.30
CA PRO B 173 9.21 7.85 -23.33
C PRO B 173 9.75 9.15 -23.90
N ASP B 174 10.90 9.04 -24.57
CA ASP B 174 11.58 10.21 -25.10
C ASP B 174 10.72 10.98 -26.10
N ASN B 175 9.80 10.30 -26.79
CA ASN B 175 8.97 10.95 -27.80
C ASN B 175 7.54 11.21 -27.34
N VAL B 176 7.27 11.15 -26.03
CA VAL B 176 5.95 11.44 -25.49
C VAL B 176 6.11 12.55 -24.46
N PHE B 177 5.31 13.61 -24.61
CA PHE B 177 5.40 14.80 -23.78
C PHE B 177 4.10 15.03 -23.02
N ASP B 178 4.25 15.56 -21.81
CA ASP B 178 3.12 16.04 -21.01
C ASP B 178 2.95 17.53 -21.26
N ALA B 179 1.73 17.92 -21.66
CA ALA B 179 1.52 19.31 -22.10
C ALA B 179 1.77 20.30 -20.98
N TRP B 180 1.39 19.97 -19.74
CA TRP B 180 1.66 20.86 -18.61
C TRP B 180 3.15 21.02 -18.38
N GLU B 181 3.92 19.94 -18.47
CA GLU B 181 5.37 20.04 -18.37
C GLU B 181 5.95 20.85 -19.52
N PHE B 182 5.44 20.61 -20.74
CA PHE B 182 5.93 21.31 -21.92
C PHE B 182 5.80 22.82 -21.77
N LEU B 183 4.69 23.27 -21.17
CA LEU B 183 4.42 24.69 -20.98
C LEU B 183 5.12 25.29 -19.76
N GLY B 184 6.02 24.55 -19.12
CA GLY B 184 6.80 25.09 -18.03
C GLY B 184 6.23 24.88 -16.66
N LYS B 185 5.35 23.89 -16.49
CA LYS B 185 4.74 23.56 -15.20
C LYS B 185 4.07 24.79 -14.56
N PRO B 186 3.16 25.45 -15.28
CA PRO B 186 2.50 26.64 -14.71
C PRO B 186 1.72 26.30 -13.45
N LYS B 187 1.85 27.15 -12.43
CA LYS B 187 1.22 26.86 -11.15
C LYS B 187 -0.29 27.04 -11.20
N HIS B 188 -0.81 27.93 -12.06
CA HIS B 188 -2.23 28.26 -12.01
C HIS B 188 -3.13 27.11 -12.45
N CYS B 189 -2.62 26.14 -13.21
CA CYS B 189 -3.43 25.01 -13.65
C CYS B 189 -2.80 23.68 -13.25
N GLN B 190 -1.98 23.68 -12.22
CA GLN B 190 -1.28 22.45 -11.83
C GLN B 190 -2.26 21.41 -11.29
N TYR B 191 -3.03 21.76 -10.27
CA TYR B 191 -3.89 20.80 -9.60
C TYR B 191 -5.28 20.77 -10.22
N THR B 192 -5.74 19.57 -10.58
CA THR B 192 -7.03 19.41 -11.23
C THR B 192 -8.06 18.78 -10.31
N TRP B 193 -7.66 18.39 -9.11
CA TRP B 193 -8.54 17.83 -8.10
C TRP B 193 -8.06 18.36 -6.76
N ASP B 194 -8.87 19.18 -6.10
CA ASP B 194 -8.41 20.00 -4.99
C ASP B 194 -9.55 20.15 -3.99
N THR B 195 -9.46 19.42 -2.85
CA THR B 195 -10.55 19.42 -1.89
C THR B 195 -10.57 20.66 -1.00
N LYS B 196 -9.55 21.51 -1.05
CA LYS B 196 -9.64 22.79 -0.37
C LYS B 196 -10.50 23.75 -1.17
N ALA B 197 -10.31 23.79 -2.50
CA ALA B 197 -11.00 24.73 -3.37
C ALA B 197 -12.33 24.20 -3.88
N ASN B 198 -12.54 22.89 -3.81
CA ASN B 198 -13.71 22.24 -4.37
C ASN B 198 -14.36 21.42 -3.26
N ASN B 199 -15.63 21.70 -2.96
CA ASN B 199 -16.42 21.15 -1.86
CA ASN B 199 -16.27 21.01 -1.83
C ASN B 199 -17.34 20.01 -2.28
N ASN B 200 -17.29 19.55 -3.53
CA ASN B 200 -18.35 18.67 -4.01
C ASN B 200 -18.38 17.35 -3.25
N LEU B 201 -17.22 16.81 -2.89
CA LEU B 201 -17.16 15.54 -2.16
C LEU B 201 -17.33 15.70 -0.66
N ARG B 202 -17.37 16.93 -0.16
CA ARG B 202 -17.54 17.20 1.27
C ARG B 202 -16.44 16.53 2.09
N ILE B 203 -15.24 16.44 1.52
CA ILE B 203 -14.09 15.91 2.25
C ILE B 203 -13.59 17.02 3.16
N PRO B 204 -13.60 16.80 4.51
CA PRO B 204 -13.22 17.86 5.46
C PRO B 204 -11.71 17.88 5.73
N ALA B 205 -10.94 18.00 4.66
CA ALA B 205 -9.48 18.04 4.70
C ALA B 205 -9.02 18.57 3.34
N ALA B 206 -7.73 18.92 3.26
CA ALA B 206 -7.17 19.55 2.06
C ALA B 206 -6.18 18.61 1.40
N TYR B 207 -6.55 18.09 0.23
CA TYR B 207 -5.66 17.29 -0.62
C TYR B 207 -5.77 17.81 -2.04
N LYS B 208 -4.67 17.80 -2.78
CA LYS B 208 -4.74 18.20 -4.17
C LYS B 208 -3.76 17.40 -5.02
N HIS B 209 -4.20 17.11 -6.25
CA HIS B 209 -3.49 16.21 -7.15
C HIS B 209 -3.64 16.70 -8.59
N ARG B 210 -2.63 16.38 -9.39
CA ARG B 210 -2.71 16.57 -10.84
C ARG B 210 -3.11 15.24 -11.48
N PHE B 211 -4.38 14.89 -11.28
CA PHE B 211 -4.89 13.62 -11.79
C PHE B 211 -5.16 13.67 -13.29
N ASP B 212 -5.59 14.81 -13.79
CA ASP B 212 -5.99 14.95 -15.18
C ASP B 212 -4.78 15.44 -15.98
N ARG B 213 -4.39 14.68 -17.00
CA ARG B 213 -3.13 14.92 -17.71
C ARG B 213 -3.33 14.74 -19.21
N ILE B 214 -2.43 15.40 -19.95
CA ILE B 214 -2.41 15.41 -21.40
C ILE B 214 -1.03 14.94 -21.85
N PHE B 215 -0.99 13.87 -22.67
CA PHE B 215 0.24 13.40 -23.28
C PHE B 215 0.12 13.53 -24.78
N PHE B 216 1.24 13.82 -25.47
CA PHE B 216 1.18 13.85 -26.91
C PHE B 216 2.46 13.33 -27.54
N ARG B 217 2.30 12.78 -28.75
CA ARG B 217 3.38 12.32 -29.60
CA ARG B 217 3.39 12.33 -29.59
C ARG B 217 3.19 12.97 -30.97
N ALA B 218 4.19 13.70 -31.42
CA ALA B 218 4.11 14.35 -32.73
C ALA B 218 5.50 14.53 -33.28
N GLU B 219 5.61 14.46 -34.60
CA GLU B 219 6.85 14.82 -35.27
C GLU B 219 7.27 16.21 -34.85
N GLU B 220 8.59 16.39 -34.66
CA GLU B 220 9.15 17.61 -34.10
C GLU B 220 8.50 18.87 -34.68
N GLY B 221 7.94 19.70 -33.80
CA GLY B 221 7.38 20.97 -34.21
C GLY B 221 6.04 20.92 -34.89
N HIS B 222 5.42 19.74 -35.00
CA HIS B 222 4.15 19.63 -35.69
C HIS B 222 2.96 19.82 -34.75
N LEU B 223 3.18 19.73 -33.44
CA LEU B 223 2.15 20.00 -32.45
C LEU B 223 2.78 20.80 -31.33
N ILE B 224 2.33 22.03 -31.15
CA ILE B 224 2.92 22.92 -30.16
CA ILE B 224 2.92 22.92 -30.16
C ILE B 224 1.85 23.43 -29.20
N PRO B 225 1.82 22.94 -27.96
CA PRO B 225 0.89 23.51 -26.98
C PRO B 225 1.10 25.02 -26.86
N GLN B 226 -0.02 25.74 -26.78
CA GLN B 226 0.02 27.19 -26.64
C GLN B 226 -0.60 27.69 -25.35
N SER B 227 -1.61 27.02 -24.83
CA SER B 227 -2.18 27.44 -23.56
C SER B 227 -2.79 26.24 -22.84
N LEU B 228 -2.89 26.38 -21.52
CA LEU B 228 -3.54 25.39 -20.67
C LEU B 228 -4.17 26.14 -19.51
N ASP B 229 -5.47 25.90 -19.28
CA ASP B 229 -6.24 26.61 -18.27
C ASP B 229 -7.22 25.65 -17.62
N LEU B 230 -7.50 25.89 -16.35
CA LEU B 230 -8.57 25.17 -15.66
C LEU B 230 -9.92 25.77 -16.03
N VAL B 231 -10.93 24.91 -16.16
CA VAL B 231 -12.31 25.35 -16.36
C VAL B 231 -13.21 24.64 -15.36
N GLY B 232 -14.45 25.14 -15.25
CA GLY B 232 -15.39 24.63 -14.27
C GLY B 232 -15.17 25.17 -12.87
N LEU B 233 -14.63 26.38 -12.76
CA LEU B 233 -14.21 26.95 -11.48
C LEU B 233 -15.31 27.72 -10.77
N GLU B 234 -16.49 27.85 -11.35
CA GLU B 234 -17.55 28.69 -10.79
C GLU B 234 -18.65 27.83 -10.19
N LYS B 235 -19.08 28.21 -8.99
CA LYS B 235 -20.20 27.52 -8.37
C LYS B 235 -21.48 27.76 -9.14
N LEU B 236 -22.34 26.75 -9.15
CA LEU B 236 -23.63 26.83 -9.80
C LEU B 236 -24.67 27.34 -8.79
N ASP B 237 -25.91 27.49 -9.24
CA ASP B 237 -26.95 28.03 -8.36
C ASP B 237 -27.10 27.21 -7.08
N CYS B 238 -26.87 25.91 -7.15
CA CYS B 238 -26.98 25.05 -5.97
C CYS B 238 -25.81 25.19 -5.01
N GLY B 239 -24.80 26.00 -5.34
CA GLY B 239 -23.68 26.19 -4.45
C GLY B 239 -22.60 25.15 -4.57
N ARG B 240 -22.66 24.29 -5.58
CA ARG B 240 -21.64 23.28 -5.83
C ARG B 240 -21.10 23.48 -7.23
N PHE B 241 -19.99 22.82 -7.52
CA PHE B 241 -19.34 22.94 -8.82
C PHE B 241 -19.88 21.90 -9.79
N PRO B 242 -19.63 22.07 -11.09
CA PRO B 242 -20.04 21.04 -12.06
C PRO B 242 -19.51 19.67 -11.72
N SER B 243 -18.32 19.59 -11.13
CA SER B 243 -17.66 18.32 -10.86
C SER B 243 -16.74 18.49 -9.65
N ASP B 244 -16.30 17.36 -9.10
CA ASP B 244 -15.23 17.39 -8.10
C ASP B 244 -13.86 17.63 -8.75
N HIS B 245 -13.75 17.43 -10.06
CA HIS B 245 -12.56 17.79 -10.82
C HIS B 245 -12.76 19.14 -11.49
N TRP B 246 -11.65 19.86 -11.65
CA TRP B 246 -11.59 20.91 -12.66
C TRP B 246 -11.34 20.27 -14.02
N GLY B 247 -11.87 20.91 -15.07
CA GLY B 247 -11.52 20.56 -16.41
C GLY B 247 -10.25 21.25 -16.88
N LEU B 248 -9.65 20.71 -17.94
CA LEU B 248 -8.47 21.32 -18.57
C LEU B 248 -8.82 21.74 -19.99
N LEU B 249 -8.56 23.01 -20.30
CA LEU B 249 -8.74 23.56 -21.64
C LEU B 249 -7.35 23.79 -22.23
N CYS B 250 -7.09 23.17 -23.36
CA CYS B 250 -5.78 23.23 -23.99
C CYS B 250 -5.93 23.72 -25.43
N THR B 251 -5.09 24.66 -25.83
CA THR B 251 -5.02 25.06 -27.23
C THR B 251 -3.62 24.73 -27.74
N LEU B 252 -3.57 24.30 -28.98
CA LEU B 252 -2.32 23.87 -29.61
C LEU B 252 -2.32 24.36 -31.05
N ASN B 253 -1.11 24.57 -31.57
CA ASN B 253 -0.92 24.83 -32.99
C ASN B 253 -0.49 23.55 -33.69
N VAL B 254 -1.22 23.25 -34.75
N VAL B 254 -0.87 23.41 -34.95
CA VAL B 254 -1.06 22.08 -35.59
CA VAL B 254 -0.30 22.35 -35.79
C VAL B 254 -0.35 22.56 -36.83
C VAL B 254 0.47 23.01 -36.93
N VAL B 255 0.92 22.23 -36.96
N VAL B 255 1.80 22.85 -36.93
CA VAL B 255 1.78 22.73 -38.03
CA VAL B 255 2.66 23.59 -37.86
C VAL B 255 1.97 21.60 -39.03
C VAL B 255 3.73 22.67 -38.45
N LEU B 256 1.66 21.87 -40.30
N LEU B 256 3.89 22.74 -39.76
CA LEU B 256 1.82 20.86 -41.33
CA LEU B 256 4.58 21.72 -40.53
C LEU B 256 3.22 20.94 -41.92
C LEU B 256 5.87 22.28 -41.13
MG MG E . -2.99 -9.72 18.43
MG MG F . -14.63 10.47 -9.54
N1 EPE G . -18.70 30.13 -17.29
C2 EPE G . -19.77 29.30 -17.80
C3 EPE G . -21.04 30.11 -17.95
N4 EPE G . -21.44 30.84 -16.73
C5 EPE G . -20.27 31.58 -16.19
C6 EPE G . -19.07 30.66 -16.04
C7 EPE G . -22.54 31.78 -16.93
C8 EPE G . -23.50 31.38 -18.09
O8 EPE G . -24.08 30.11 -17.81
C9 EPE G . -17.40 29.47 -17.28
C10 EPE G . -16.71 29.20 -15.91
S EPE G . -15.08 28.59 -16.23
O1S EPE G . -15.21 27.30 -16.92
O2S EPE G . -14.38 28.46 -14.92
O3S EPE G . -14.41 29.58 -17.09
C1 PEG H . -20.64 8.86 -38.38
O1 PEG H . -21.13 8.78 -39.70
C2 PEG H . -21.32 7.77 -37.49
O2 PEG H . -20.66 7.72 -36.22
C3 PEG H . -21.53 7.55 -35.12
C4 PEG H . -20.92 6.57 -34.15
O4 PEG H . -21.36 6.83 -32.84
MG MG I . 2.53 31.09 -26.87
#